data_4RKX
#
_entry.id   4RKX
#
_cell.length_a   114.564
_cell.length_b   50.357
_cell.length_c   37.406
_cell.angle_alpha   90.00
_cell.angle_beta   90.00
_cell.angle_gamma   90.00
#
_symmetry.space_group_name_H-M   'P 21 21 2'
#
loop_
_entity.id
_entity.type
_entity.pdbx_description
1 polymer Streptopain
2 non-polymer 'NITRATE ION'
3 non-polymer 'benzyl (cyanomethyl)carbamate'
4 water water
#
_entity_poly.entity_id   1
_entity_poly.type   'polypeptide(L)'
_entity_poly.pdbx_seq_one_letter_code
;QPVVKSLLNSKGIHYNQGNPYNLLTPVIEKVKPGEQSFVGQHAATGCVATATAQIMKYHNYPNKGLKDYTYTLSSNNPYF
NHPKNLFAAISTRQYNWNNILPTYSGRESNVQKMAISELMADVGISVDMDYGPSSGSAGSSRVQRALKENFGYNQSVHQI
NRSDFSKQDWEAQIDKELSQNQPVYYQGVGKVGGHAFVIDGADGRNFYHVNWGWGGVSDGFFRLDALNPSALGTGGGAGG
FNGYQSAVVGIKPLEHHHHHH
;
_entity_poly.pdbx_strand_id   A
#
# COMPACT_ATOMS: atom_id res chain seq x y z
N GLN A 1 -10.62 4.61 -23.60
CA GLN A 1 -10.46 4.67 -22.14
C GLN A 1 -11.48 5.61 -21.52
N PRO A 2 -12.33 5.08 -20.63
CA PRO A 2 -13.32 5.91 -19.93
C PRO A 2 -12.66 6.94 -19.01
N VAL A 3 -13.31 8.08 -18.82
CA VAL A 3 -12.82 9.06 -17.86
C VAL A 3 -13.37 8.74 -16.48
N VAL A 4 -12.47 8.61 -15.51
CA VAL A 4 -12.84 8.34 -14.13
C VAL A 4 -12.04 9.27 -13.23
N LYS A 5 -12.72 10.16 -12.53
CA LYS A 5 -12.05 11.07 -11.62
C LYS A 5 -11.50 10.28 -10.44
N SER A 6 -10.39 10.75 -9.87
CA SER A 6 -9.71 10.02 -8.80
C SER A 6 -10.66 9.55 -7.72
N LEU A 7 -10.74 8.24 -7.55
CA LEU A 7 -11.64 7.63 -6.59
C LEU A 7 -11.22 7.95 -5.16
N LEU A 8 -9.93 7.82 -4.88
CA LEU A 8 -9.44 8.11 -3.53
C LEU A 8 -9.57 9.60 -3.20
N ASN A 9 -9.30 10.47 -4.17
CA ASN A 9 -9.44 11.91 -3.91
C ASN A 9 -10.87 12.27 -3.54
N SER A 10 -11.83 11.59 -4.18
CA SER A 10 -13.24 11.87 -3.98
CA SER A 10 -13.24 11.88 -3.98
C SER A 10 -13.68 11.54 -2.56
N LYS A 11 -12.96 10.64 -1.92
CA LYS A 11 -13.29 10.23 -0.56
C LYS A 11 -12.29 10.78 0.44
N GLY A 12 -11.40 11.65 -0.03
CA GLY A 12 -10.45 12.34 0.84
C GLY A 12 -9.34 11.46 1.42
N ILE A 13 -9.02 10.37 0.72
CA ILE A 13 -8.10 9.38 1.25
C ILE A 13 -6.66 9.65 0.84
N HIS A 14 -5.83 9.96 1.83
CA HIS A 14 -4.44 10.31 1.60
C HIS A 14 -3.62 9.80 2.78
N TYR A 15 -3.07 8.60 2.64
CA TYR A 15 -2.24 8.04 3.70
C TYR A 15 -0.74 8.18 3.38
N ASN A 16 0.08 7.89 4.38
CA ASN A 16 1.52 8.02 4.26
C ASN A 16 2.17 6.86 5.02
N GLN A 17 3.48 6.89 5.19
CA GLN A 17 4.18 5.79 5.86
C GLN A 17 4.75 6.12 7.23
N GLY A 18 4.78 7.41 7.57
CA GLY A 18 5.30 7.84 8.86
C GLY A 18 4.19 8.11 9.85
N ASN A 19 4.45 8.99 10.81
CA ASN A 19 3.45 9.34 11.80
C ASN A 19 2.28 10.08 11.15
N PRO A 20 1.05 9.84 11.62
CA PRO A 20 0.63 8.94 12.71
C PRO A 20 0.19 7.58 12.18
N TYR A 21 0.70 7.18 11.03
CA TYR A 21 0.33 5.91 10.42
C TYR A 21 1.13 4.73 10.95
N ASN A 22 2.28 5.04 11.55
CA ASN A 22 3.22 3.99 11.92
C ASN A 22 3.39 3.85 13.42
N LEU A 23 2.40 4.27 14.19
CA LEU A 23 2.53 4.26 15.65
C LEU A 23 2.51 2.85 16.25
N LEU A 24 2.24 1.84 15.44
CA LEU A 24 2.20 0.48 15.96
C LEU A 24 3.07 -0.50 15.18
N THR A 25 3.93 0.02 14.29
CA THR A 25 4.96 -0.80 13.67
C THR A 25 6.05 -1.07 14.69
N PRO A 26 6.91 -2.06 14.42
CA PRO A 26 8.02 -2.34 15.36
C PRO A 26 8.97 -1.16 15.57
N VAL A 27 9.41 -1.00 16.80
CA VAL A 27 10.36 0.04 17.16
C VAL A 27 11.77 -0.44 16.85
N ILE A 28 12.48 0.32 16.02
CA ILE A 28 13.82 -0.04 15.60
C ILE A 28 14.75 -0.20 16.81
N GLU A 29 15.52 -1.29 16.81
CA GLU A 29 16.31 -1.69 17.98
C GLU A 29 17.80 -1.45 17.83
N LYS A 30 18.30 -1.44 16.59
CA LYS A 30 19.73 -1.39 16.36
C LYS A 30 20.12 -0.32 15.34
N VAL A 31 21.32 0.21 15.50
CA VAL A 31 21.94 1.06 14.50
C VAL A 31 22.64 0.19 13.46
N LYS A 32 22.29 0.38 12.20
CA LYS A 32 23.01 -0.27 11.12
C LYS A 32 24.40 0.33 10.99
N PRO A 33 25.44 -0.52 10.96
CA PRO A 33 26.82 -0.06 10.84
C PRO A 33 27.01 0.91 9.66
N GLY A 34 27.59 2.06 9.94
CA GLY A 34 27.80 3.07 8.90
C GLY A 34 26.62 3.98 8.67
N GLU A 35 25.54 3.78 9.42
CA GLU A 35 24.33 4.58 9.26
C GLU A 35 24.06 5.36 10.53
N GLN A 36 23.31 6.46 10.43
CA GLN A 36 22.90 7.19 11.63
C GLN A 36 21.80 6.39 12.33
N SER A 37 21.56 6.71 13.59
CA SER A 37 20.59 5.96 14.38
C SER A 37 19.14 6.27 14.04
N PHE A 38 18.35 5.21 13.93
CA PHE A 38 16.88 5.31 13.90
C PHE A 38 16.32 4.57 15.10
N VAL A 39 17.20 4.21 16.02
CA VAL A 39 16.82 3.46 17.21
C VAL A 39 15.80 4.22 18.03
N GLY A 40 14.71 3.53 18.38
CA GLY A 40 13.66 4.13 19.19
C GLY A 40 12.56 4.74 18.36
N GLN A 41 12.76 4.77 17.04
CA GLN A 41 11.74 5.24 16.12
C GLN A 41 10.96 4.07 15.57
N HIS A 42 9.67 4.28 15.33
CA HIS A 42 8.85 3.27 14.66
C HIS A 42 9.28 3.11 13.20
N ALA A 43 9.30 1.86 12.74
CA ALA A 43 9.61 1.57 11.34
C ALA A 43 8.56 2.19 10.43
N ALA A 44 8.94 2.48 9.19
CA ALA A 44 7.99 2.88 8.15
C ALA A 44 6.93 1.81 7.97
N THR A 45 5.69 2.22 7.66
CA THR A 45 4.63 1.22 7.44
C THR A 45 4.93 0.34 6.24
N GLY A 46 5.66 0.88 5.26
CA GLY A 46 5.90 0.18 4.00
C GLY A 46 4.90 0.63 2.94
N CYS A 47 5.39 0.93 1.75
CA CYS A 47 4.54 1.37 0.65
C CYS A 47 3.47 0.33 0.31
N VAL A 48 3.80 -0.96 0.47
CA VAL A 48 2.83 -2.00 0.18
C VAL A 48 1.64 -1.91 1.15
N ALA A 49 1.94 -1.67 2.43
CA ALA A 49 0.90 -1.53 3.44
C ALA A 49 0.08 -0.26 3.22
N THR A 50 0.76 0.83 2.89
CA THR A 50 0.07 2.09 2.73
C THR A 50 -0.87 2.02 1.52
N ALA A 51 -0.42 1.40 0.44
CA ALA A 51 -1.25 1.28 -0.76
C ALA A 51 -2.49 0.45 -0.45
N THR A 52 -2.27 -0.69 0.20
CA THR A 52 -3.36 -1.60 0.51
C THR A 52 -4.36 -0.96 1.48
N ALA A 53 -3.85 -0.25 2.48
CA ALA A 53 -4.70 0.36 3.49
C ALA A 53 -5.59 1.44 2.90
N GLN A 54 -5.06 2.18 1.92
CA GLN A 54 -5.87 3.20 1.28
C GLN A 54 -7.04 2.56 0.54
N ILE A 55 -6.79 1.45 -0.11
CA ILE A 55 -7.85 0.77 -0.84
C ILE A 55 -8.86 0.19 0.14
N MET A 56 -8.37 -0.32 1.27
CA MET A 56 -9.26 -0.86 2.27
C MET A 56 -10.16 0.22 2.83
N LYS A 57 -9.59 1.42 3.04
CA LYS A 57 -10.38 2.54 3.54
C LYS A 57 -11.45 2.95 2.52
N TYR A 58 -11.12 2.83 1.24
CA TYR A 58 -12.07 3.19 0.20
C TYR A 58 -13.35 2.37 0.34
N HIS A 59 -13.20 1.12 0.79
CA HIS A 59 -14.35 0.22 0.93
C HIS A 59 -14.91 0.17 2.34
N ASN A 60 -14.17 0.75 3.30
CA ASN A 60 -14.47 0.61 4.72
C ASN A 60 -14.74 -0.84 5.06
N TYR A 61 -13.79 -1.70 4.71
CA TYR A 61 -13.96 -3.14 4.83
C TYR A 61 -12.60 -3.77 5.12
N PRO A 62 -12.56 -4.80 6.00
CA PRO A 62 -13.69 -5.49 6.61
C PRO A 62 -14.19 -4.89 7.91
N ASN A 63 -15.41 -5.30 8.27
CA ASN A 63 -15.96 -5.03 9.58
C ASN A 63 -15.16 -5.80 10.61
N LYS A 64 -14.97 -7.10 10.33
CA LYS A 64 -14.25 -7.99 11.22
C LYS A 64 -13.16 -8.77 10.50
N GLY A 65 -12.01 -8.91 11.15
CA GLY A 65 -10.91 -9.66 10.56
C GLY A 65 -11.22 -11.16 10.62
N LEU A 66 -10.53 -11.92 9.78
CA LEU A 66 -10.86 -13.34 9.58
C LEU A 66 -9.81 -14.28 10.17
N LYS A 67 -8.54 -13.93 10.02
CA LYS A 67 -7.46 -14.85 10.38
C LYS A 67 -6.17 -14.14 10.80
N ASP A 68 -5.57 -14.62 11.90
CA ASP A 68 -4.30 -14.07 12.39
C ASP A 68 -3.17 -14.33 11.40
N TYR A 69 -2.05 -13.64 11.60
CA TYR A 69 -0.84 -13.88 10.82
C TYR A 69 0.41 -13.73 11.68
N THR A 70 1.36 -14.62 11.45
CA THR A 70 2.63 -14.62 12.17
C THR A 70 3.76 -14.83 11.15
N TYR A 71 4.88 -14.12 11.31
CA TYR A 71 6.07 -14.39 10.50
C TYR A 71 7.33 -13.96 11.23
N THR A 72 8.48 -14.34 10.68
CA THR A 72 9.77 -14.05 11.27
C THR A 72 10.57 -13.17 10.32
N LEU A 73 11.15 -12.10 10.83
CA LEU A 73 12.01 -11.24 10.02
C LEU A 73 13.26 -11.97 9.54
N SER A 74 13.75 -11.59 8.36
CA SER A 74 15.05 -12.07 7.87
C SER A 74 16.16 -11.70 8.85
N SER A 75 17.06 -12.65 9.12
CA SER A 75 18.15 -12.39 10.06
C SER A 75 19.22 -11.43 9.53
N ASN A 76 19.13 -11.04 8.26
CA ASN A 76 20.06 -10.04 7.76
C ASN A 76 19.52 -8.63 7.91
N ASN A 77 18.32 -8.51 8.46
CA ASN A 77 17.77 -7.20 8.80
C ASN A 77 18.56 -6.60 9.96
N PRO A 78 19.25 -5.48 9.71
CA PRO A 78 20.19 -4.94 10.70
C PRO A 78 19.54 -4.08 11.78
N TYR A 79 18.23 -3.91 11.72
CA TYR A 79 17.55 -2.96 12.61
C TYR A 79 16.95 -3.64 13.84
N PHE A 80 16.98 -4.97 13.85
CA PHE A 80 16.39 -5.72 14.94
C PHE A 80 17.34 -6.81 15.39
N ASN A 81 17.26 -7.16 16.68
CA ASN A 81 17.91 -8.35 17.17
C ASN A 81 17.14 -9.59 16.73
N HIS A 82 17.85 -10.69 16.54
CA HIS A 82 17.26 -11.88 15.96
C HIS A 82 17.37 -13.09 16.88
N PRO A 83 16.40 -14.03 16.76
CA PRO A 83 15.22 -13.97 15.89
C PRO A 83 14.16 -12.97 16.36
N LYS A 84 13.42 -12.43 15.40
CA LYS A 84 12.35 -11.48 15.68
C LYS A 84 11.06 -11.96 15.01
N ASN A 85 10.08 -12.34 15.82
CA ASN A 85 8.79 -12.79 15.31
C ASN A 85 7.73 -11.70 15.45
N LEU A 86 6.89 -11.56 14.44
CA LEU A 86 5.81 -10.58 14.48
C LEU A 86 4.44 -11.26 14.38
N PHE A 87 3.46 -10.69 15.06
CA PHE A 87 2.14 -11.29 15.15
C PHE A 87 1.04 -10.24 15.12
N ALA A 88 0.00 -10.50 14.33
CA ALA A 88 -1.17 -9.64 14.31
C ALA A 88 -2.43 -10.48 14.51
N ALA A 89 -3.19 -10.17 15.56
CA ALA A 89 -4.39 -10.92 15.90
C ALA A 89 -5.60 -10.47 15.08
N ILE A 90 -5.46 -10.55 13.77
CA ILE A 90 -6.47 -10.05 12.84
C ILE A 90 -7.83 -10.75 13.01
N SER A 91 -7.82 -12.01 13.41
CA SER A 91 -9.09 -12.73 13.63
C SER A 91 -9.95 -12.13 14.74
N THR A 92 -9.36 -11.29 15.59
CA THR A 92 -10.10 -10.69 16.69
C THR A 92 -10.51 -9.25 16.41
N ARG A 93 -10.11 -8.74 15.25
CA ARG A 93 -10.31 -7.33 14.95
C ARG A 93 -11.74 -6.98 14.58
N GLN A 94 -12.23 -5.89 15.18
CA GLN A 94 -13.43 -5.24 14.72
C GLN A 94 -13.03 -3.81 14.36
N TYR A 95 -12.69 -3.59 13.09
CA TYR A 95 -12.20 -2.29 12.64
C TYR A 95 -13.32 -1.25 12.65
N ASN A 96 -13.10 -0.16 13.37
CA ASN A 96 -14.07 0.93 13.41
C ASN A 96 -13.70 1.95 12.35
N TRP A 97 -14.42 1.91 11.24
CA TRP A 97 -14.08 2.76 10.09
C TRP A 97 -14.53 4.20 10.27
N ASN A 98 -15.24 4.48 11.36
CA ASN A 98 -15.46 5.86 11.78
C ASN A 98 -14.17 6.46 12.33
N ASN A 99 -13.37 5.63 12.98
CA ASN A 99 -12.13 6.10 13.60
C ASN A 99 -10.93 6.02 12.67
N ILE A 100 -11.02 5.16 11.67
CA ILE A 100 -10.00 5.08 10.64
C ILE A 100 -10.33 6.14 9.60
N LEU A 101 -9.79 7.34 9.79
CA LEU A 101 -10.15 8.50 8.98
C LEU A 101 -9.50 8.43 7.60
N PRO A 102 -10.05 9.18 6.63
CA PRO A 102 -9.51 9.17 5.27
C PRO A 102 -8.11 9.79 5.19
N THR A 103 -7.84 10.74 6.07
CA THR A 103 -6.51 11.32 6.14
C THR A 103 -6.28 11.95 7.50
N TYR A 104 -5.02 12.26 7.79
CA TYR A 104 -4.60 12.75 9.09
C TYR A 104 -3.74 13.99 8.96
N SER A 105 -4.11 15.06 9.67
CA SER A 105 -3.38 16.31 9.63
C SER A 105 -2.62 16.55 10.93
N GLY A 106 -2.91 15.73 11.93
CA GLY A 106 -2.27 15.83 13.23
C GLY A 106 -3.22 16.14 14.37
N ARG A 107 -4.33 16.81 14.05
CA ARG A 107 -5.29 17.25 15.07
C ARG A 107 -6.25 16.14 15.50
N GLU A 108 -6.07 14.94 14.94
CA GLU A 108 -6.97 13.83 15.23
C GLU A 108 -6.74 13.31 16.65
N SER A 109 -7.71 12.58 17.18
CA SER A 109 -7.62 12.01 18.51
C SER A 109 -6.64 10.85 18.52
N ASN A 110 -6.13 10.50 19.69
CA ASN A 110 -5.25 9.33 19.79
C ASN A 110 -5.99 8.08 19.37
N VAL A 111 -7.29 8.02 19.66
CA VAL A 111 -8.10 6.86 19.23
C VAL A 111 -8.10 6.75 17.71
N GLN A 112 -8.24 7.88 17.03
CA GLN A 112 -8.24 7.89 15.56
C GLN A 112 -6.86 7.56 15.01
N LYS A 113 -5.81 8.05 15.66
CA LYS A 113 -4.45 7.74 15.24
C LYS A 113 -4.11 6.27 15.46
N MET A 114 -4.51 5.74 16.60
CA MET A 114 -4.27 4.32 16.86
C MET A 114 -5.06 3.43 15.91
N ALA A 115 -6.21 3.90 15.46
CA ALA A 115 -7.07 3.10 14.59
C ALA A 115 -6.39 2.86 13.25
N ILE A 116 -5.87 3.93 12.64
CA ILE A 116 -5.17 3.76 11.38
C ILE A 116 -3.83 3.05 11.60
N SER A 117 -3.16 3.31 12.73
CA SER A 117 -1.87 2.65 12.98
C SER A 117 -2.04 1.15 13.15
N GLU A 118 -3.16 0.75 13.73
CA GLU A 118 -3.45 -0.67 13.91
C GLU A 118 -3.69 -1.34 12.57
N LEU A 119 -4.48 -0.69 11.72
CA LEU A 119 -4.73 -1.25 10.40
C LEU A 119 -3.43 -1.33 9.62
N MET A 120 -2.63 -0.28 9.66
CA MET A 120 -1.34 -0.27 8.95
C MET A 120 -0.43 -1.39 9.39
N ALA A 121 -0.38 -1.62 10.71
CA ALA A 121 0.50 -2.63 11.28
C ALA A 121 -0.01 -4.03 10.94
N ASP A 122 -1.33 -4.22 11.00
CA ASP A 122 -1.92 -5.51 10.62
C ASP A 122 -1.62 -5.85 9.15
N VAL A 123 -1.80 -4.86 8.27
CA VAL A 123 -1.57 -5.10 6.85
C VAL A 123 -0.11 -5.39 6.58
N GLY A 124 0.78 -4.60 7.17
CA GLY A 124 2.20 -4.82 7.00
C GLY A 124 2.64 -6.20 7.44
N ILE A 125 2.16 -6.63 8.61
CA ILE A 125 2.48 -7.96 9.12
C ILE A 125 1.93 -9.04 8.18
N SER A 126 0.73 -8.84 7.64
CA SER A 126 0.12 -9.86 6.78
C SER A 126 0.85 -10.01 5.46
N VAL A 127 1.68 -9.03 5.09
CA VAL A 127 2.48 -9.17 3.87
C VAL A 127 3.97 -9.33 4.17
N ASP A 128 4.29 -9.79 5.38
CA ASP A 128 5.65 -10.16 5.78
C ASP A 128 6.62 -8.99 5.62
N MET A 129 6.19 -7.82 6.10
CA MET A 129 6.96 -6.60 5.90
C MET A 129 8.36 -6.70 6.50
N ASP A 130 9.35 -6.36 5.69
CA ASP A 130 10.72 -6.26 6.16
C ASP A 130 10.91 -4.86 6.73
N TYR A 131 10.67 -4.71 8.02
CA TYR A 131 10.58 -3.38 8.62
C TYR A 131 11.93 -2.66 8.80
N GLY A 132 11.91 -1.35 8.60
CA GLY A 132 13.10 -0.55 8.84
C GLY A 132 12.73 0.91 8.67
N PRO A 133 13.74 1.79 8.61
CA PRO A 133 13.50 3.21 8.30
C PRO A 133 12.75 3.31 6.99
N SER A 134 13.08 2.42 6.06
CA SER A 134 12.18 2.10 4.97
C SER A 134 11.81 0.63 5.13
N SER A 135 10.63 0.28 4.65
CA SER A 135 10.08 -1.07 4.86
C SER A 135 9.61 -1.70 3.56
N GLY A 136 10.09 -2.91 3.27
CA GLY A 136 9.81 -3.55 2.00
C GLY A 136 9.07 -4.86 2.10
N SER A 137 8.23 -5.13 1.10
CA SER A 137 7.46 -6.37 1.01
C SER A 137 7.48 -6.88 -0.42
N ALA A 138 7.24 -8.18 -0.61
CA ALA A 138 7.12 -8.73 -1.96
C ALA A 138 5.97 -8.11 -2.74
N GLY A 139 4.96 -7.62 -2.03
CA GLY A 139 3.87 -6.90 -2.66
C GLY A 139 2.73 -7.79 -3.14
N SER A 140 2.39 -7.64 -4.43
CA SER A 140 1.19 -8.23 -5.03
C SER A 140 0.84 -9.65 -4.59
N SER A 141 1.78 -10.58 -4.68
CA SER A 141 1.48 -11.98 -4.37
C SER A 141 1.05 -12.16 -2.92
N ARG A 142 1.60 -11.35 -2.03
CA ARG A 142 1.22 -11.40 -0.62
C ARG A 142 -0.04 -10.57 -0.34
N VAL A 143 -0.18 -9.46 -1.04
CA VAL A 143 -1.36 -8.62 -0.89
C VAL A 143 -2.65 -9.35 -1.26
N GLN A 144 -2.66 -10.01 -2.40
CA GLN A 144 -3.87 -10.69 -2.82
C GLN A 144 -4.25 -11.79 -1.82
N ARG A 145 -3.24 -12.51 -1.30
CA ARG A 145 -3.49 -13.56 -0.30
C ARG A 145 -4.02 -12.96 0.99
N ALA A 146 -3.40 -11.88 1.45
CA ALA A 146 -3.81 -11.25 2.70
C ALA A 146 -5.24 -10.73 2.62
N LEU A 147 -5.57 -10.06 1.52
CA LEU A 147 -6.90 -9.46 1.39
C LEU A 147 -8.01 -10.51 1.49
N LYS A 148 -7.80 -11.68 0.88
CA LYS A 148 -8.78 -12.74 0.94
C LYS A 148 -8.72 -13.54 2.23
N GLU A 149 -7.55 -14.08 2.55
CA GLU A 149 -7.42 -15.00 3.68
C GLU A 149 -7.50 -14.34 5.07
N ASN A 150 -6.87 -13.18 5.22
CA ASN A 150 -6.85 -12.54 6.53
C ASN A 150 -7.96 -11.51 6.69
N PHE A 151 -8.29 -10.79 5.61
CA PHE A 151 -9.27 -9.71 5.74
C PHE A 151 -10.63 -9.98 5.08
N GLY A 152 -10.81 -11.14 4.45
CA GLY A 152 -12.12 -11.54 3.99
C GLY A 152 -12.68 -10.82 2.77
N TYR A 153 -11.83 -10.26 1.93
CA TYR A 153 -12.29 -9.69 0.66
C TYR A 153 -12.72 -10.83 -0.28
N ASN A 154 -13.47 -10.48 -1.33
CA ASN A 154 -14.03 -11.46 -2.24
C ASN A 154 -12.98 -12.25 -3.00
N GLN A 155 -13.35 -13.45 -3.45
CA GLN A 155 -12.46 -14.32 -4.20
CA GLN A 155 -12.43 -14.30 -4.18
C GLN A 155 -12.09 -13.74 -5.56
N SER A 156 -12.75 -12.65 -5.94
CA SER A 156 -12.40 -11.95 -7.18
C SER A 156 -11.02 -11.31 -7.10
N VAL A 157 -10.50 -11.16 -5.88
CA VAL A 157 -9.17 -10.58 -5.69
C VAL A 157 -8.09 -11.49 -6.27
N HIS A 158 -7.27 -10.95 -7.17
CA HIS A 158 -6.12 -11.70 -7.67
C HIS A 158 -5.06 -10.79 -8.27
N GLN A 159 -3.84 -11.31 -8.31
CA GLN A 159 -2.72 -10.63 -8.97
C GLN A 159 -2.75 -10.85 -10.47
N ILE A 160 -2.50 -9.78 -11.22
CA ILE A 160 -2.18 -9.90 -12.64
C ILE A 160 -0.80 -9.32 -12.91
N ASN A 161 -0.06 -9.97 -13.80
CA ASN A 161 1.28 -9.55 -14.18
C ASN A 161 1.28 -8.92 -15.57
N ARG A 162 1.96 -7.78 -15.67
CA ARG A 162 2.03 -7.01 -16.91
C ARG A 162 2.54 -7.84 -18.08
N SER A 163 3.46 -8.76 -17.82
CA SER A 163 4.07 -9.57 -18.87
C SER A 163 3.08 -10.55 -19.51
N ASP A 164 1.92 -10.74 -18.89
CA ASP A 164 0.95 -11.72 -19.36
C ASP A 164 -0.10 -11.15 -20.31
N PHE A 165 -0.01 -9.85 -20.57
CA PHE A 165 -1.03 -9.21 -21.40
C PHE A 165 -0.43 -8.27 -22.43
N SER A 166 -1.17 -8.07 -23.52
CA SER A 166 -0.89 -6.94 -24.39
C SER A 166 -1.14 -5.65 -23.63
N LYS A 167 -0.60 -4.54 -24.14
CA LYS A 167 -0.85 -3.26 -23.50
C LYS A 167 -2.35 -2.99 -23.46
N GLN A 168 -3.03 -3.25 -24.58
CA GLN A 168 -4.48 -3.03 -24.63
C GLN A 168 -5.22 -3.85 -23.59
N ASP A 169 -4.89 -5.13 -23.46
CA ASP A 169 -5.63 -5.99 -22.55
C ASP A 169 -5.30 -5.67 -21.10
N TRP A 170 -4.06 -5.26 -20.86
CA TRP A 170 -3.61 -4.82 -19.54
C TRP A 170 -4.43 -3.60 -19.10
N GLU A 171 -4.44 -2.56 -19.93
CA GLU A 171 -5.14 -1.34 -19.59
C GLU A 171 -6.65 -1.54 -19.56
N ALA A 172 -7.15 -2.48 -20.36
CA ALA A 172 -8.58 -2.80 -20.34
C ALA A 172 -9.00 -3.35 -18.98
N GLN A 173 -8.13 -4.14 -18.38
CA GLN A 173 -8.44 -4.69 -17.06
C GLN A 173 -8.44 -3.59 -15.99
N ILE A 174 -7.48 -2.68 -16.06
CA ILE A 174 -7.45 -1.53 -15.15
C ILE A 174 -8.70 -0.70 -15.35
N ASP A 175 -9.05 -0.43 -16.62
CA ASP A 175 -10.24 0.35 -16.94
C ASP A 175 -11.51 -0.28 -16.38
N LYS A 176 -11.62 -1.60 -16.51
CA LYS A 176 -12.80 -2.32 -16.00
C LYS A 176 -12.94 -2.13 -14.49
N GLU A 177 -11.83 -2.22 -13.78
CA GLU A 177 -11.84 -2.04 -12.34
C GLU A 177 -12.35 -0.65 -11.98
N LEU A 178 -11.82 0.35 -12.66
CA LEU A 178 -12.17 1.73 -12.35
C LEU A 178 -13.65 1.99 -12.67
N SER A 179 -14.13 1.36 -13.74
CA SER A 179 -15.53 1.50 -14.15
CA SER A 179 -15.53 1.52 -14.14
C SER A 179 -16.47 0.89 -13.11
N GLN A 180 -15.94 0.00 -12.29
CA GLN A 180 -16.73 -0.60 -11.21
C GLN A 180 -16.37 0.02 -9.85
N ASN A 181 -15.78 1.22 -9.90
CA ASN A 181 -15.38 1.96 -8.69
C ASN A 181 -14.50 1.13 -7.77
N GLN A 182 -13.54 0.44 -8.38
CA GLN A 182 -12.60 -0.39 -7.64
C GLN A 182 -11.16 0.05 -7.91
N PRO A 183 -10.59 0.84 -6.97
CA PRO A 183 -9.17 1.19 -7.08
C PRO A 183 -8.28 -0.04 -7.20
N VAL A 184 -7.15 0.12 -7.86
CA VAL A 184 -6.27 -0.99 -8.18
C VAL A 184 -4.94 -0.85 -7.45
N TYR A 185 -4.53 -1.92 -6.78
CA TYR A 185 -3.18 -1.98 -6.23
C TYR A 185 -2.20 -2.19 -7.37
N TYR A 186 -1.09 -1.45 -7.38
CA TYR A 186 -0.15 -1.54 -8.49
C TYR A 186 1.28 -1.42 -7.98
N GLN A 187 2.23 -2.11 -8.60
CA GLN A 187 3.63 -1.94 -8.22
C GLN A 187 4.57 -2.11 -9.40
N GLY A 188 5.79 -1.62 -9.25
CA GLY A 188 6.79 -1.74 -10.29
C GLY A 188 8.17 -1.40 -9.79
N VAL A 189 9.17 -1.64 -10.63
CA VAL A 189 10.57 -1.42 -10.26
C VAL A 189 11.27 -0.62 -11.35
N GLY A 190 12.22 0.22 -10.95
CA GLY A 190 13.05 0.94 -11.89
C GLY A 190 14.30 1.47 -11.22
N LYS A 191 14.89 2.49 -11.82
CA LYS A 191 16.18 2.96 -11.38
C LYS A 191 16.08 3.95 -10.22
N VAL A 192 14.88 4.09 -9.66
CA VAL A 192 14.73 4.77 -8.37
C VAL A 192 14.09 3.81 -7.37
N GLY A 193 14.30 2.51 -7.59
CA GLY A 193 13.87 1.47 -6.68
C GLY A 193 12.53 0.85 -7.00
N GLY A 194 11.99 0.06 -6.07
CA GLY A 194 10.67 -0.53 -6.23
C GLY A 194 9.65 0.12 -5.32
N HIS A 195 8.41 0.22 -5.80
CA HIS A 195 7.36 0.94 -5.08
C HIS A 195 5.99 0.36 -5.40
N ALA A 196 5.09 0.48 -4.44
CA ALA A 196 3.71 0.06 -4.57
C ALA A 196 2.82 1.28 -4.39
N PHE A 197 1.69 1.30 -5.09
CA PHE A 197 0.85 2.49 -5.11
C PHE A 197 -0.55 2.13 -5.59
N VAL A 198 -1.39 3.13 -5.78
CA VAL A 198 -2.78 2.89 -6.15
C VAL A 198 -3.13 3.60 -7.45
N ILE A 199 -3.74 2.86 -8.38
CA ILE A 199 -4.36 3.45 -9.55
C ILE A 199 -5.84 3.66 -9.29
N ASP A 200 -6.32 4.88 -9.39
CA ASP A 200 -7.69 5.17 -8.99
C ASP A 200 -8.41 6.16 -9.90
N GLY A 201 -7.91 6.35 -11.11
CA GLY A 201 -8.56 7.26 -12.04
C GLY A 201 -8.02 7.11 -13.42
N ALA A 202 -8.68 7.76 -14.38
CA ALA A 202 -8.28 7.72 -15.78
C ALA A 202 -8.79 8.98 -16.47
N ASP A 203 -8.00 9.52 -17.39
CA ASP A 203 -8.35 10.80 -17.99
C ASP A 203 -8.80 10.69 -19.45
N GLY A 204 -8.92 9.47 -19.96
CA GLY A 204 -9.43 9.26 -21.31
C GLY A 204 -8.38 9.34 -22.41
N ARG A 205 -7.16 9.70 -22.07
CA ARG A 205 -6.08 9.78 -23.07
C ARG A 205 -4.94 8.84 -22.71
N ASN A 206 -5.27 7.76 -22.00
CA ASN A 206 -4.35 6.69 -21.61
C ASN A 206 -3.37 7.08 -20.51
N PHE A 207 -3.72 8.13 -19.75
CA PHE A 207 -3.06 8.41 -18.49
C PHE A 207 -3.96 7.93 -17.36
N TYR A 208 -3.37 7.55 -16.24
CA TYR A 208 -4.13 7.08 -15.09
C TYR A 208 -3.77 7.93 -13.88
N HIS A 209 -4.74 8.14 -13.00
CA HIS A 209 -4.44 8.85 -11.76
C HIS A 209 -3.76 7.89 -10.78
N VAL A 210 -2.68 8.37 -10.18
CA VAL A 210 -1.89 7.60 -9.23
C VAL A 210 -1.86 8.29 -7.87
N ASN A 211 -2.10 7.50 -6.83
CA ASN A 211 -1.87 7.89 -5.45
C ASN A 211 -0.65 7.13 -4.95
N TRP A 212 0.46 7.84 -4.75
CA TRP A 212 1.73 7.20 -4.45
C TRP A 212 1.91 6.78 -3.01
N GLY A 213 0.99 7.19 -2.14
CA GLY A 213 1.08 6.85 -0.73
C GLY A 213 2.12 7.65 0.04
N TRP A 214 2.39 8.86 -0.44
CA TRP A 214 3.31 9.78 0.25
C TRP A 214 2.56 11.00 0.77
N GLY A 215 1.30 10.80 1.14
CA GLY A 215 0.52 11.87 1.72
C GLY A 215 0.01 12.88 0.72
N GLY A 216 0.21 12.59 -0.57
CA GLY A 216 -0.26 13.46 -1.64
C GLY A 216 0.84 13.90 -2.59
N VAL A 217 2.07 13.90 -2.11
CA VAL A 217 3.21 14.30 -2.92
C VAL A 217 3.30 13.47 -4.20
N SER A 218 3.43 14.17 -5.32
CA SER A 218 3.59 13.60 -6.66
C SER A 218 2.33 12.94 -7.23
N ASP A 219 1.24 12.89 -6.48
CA ASP A 219 -0.02 12.35 -7.02
C ASP A 219 -0.42 13.13 -8.28
N GLY A 220 -0.90 12.40 -9.28
CA GLY A 220 -1.29 13.02 -10.53
C GLY A 220 -1.54 11.98 -11.60
N PHE A 221 -1.52 12.42 -12.85
CA PHE A 221 -1.78 11.51 -13.97
C PHE A 221 -0.49 11.05 -14.64
N PHE A 222 -0.42 9.75 -14.88
CA PHE A 222 0.77 9.11 -15.41
C PHE A 222 0.39 8.03 -16.40
N ARG A 223 1.23 7.84 -17.41
CA ARG A 223 1.13 6.67 -18.26
C ARG A 223 1.66 5.48 -17.47
N LEU A 224 1.12 4.29 -17.72
CA LEU A 224 1.53 3.13 -16.95
C LEU A 224 2.94 2.65 -17.34
N ASP A 225 3.44 3.12 -18.48
CA ASP A 225 4.83 2.84 -18.86
C ASP A 225 5.75 4.03 -18.59
N ALA A 226 5.24 5.00 -17.83
CA ALA A 226 6.03 6.16 -17.40
C ALA A 226 5.59 6.58 -16.00
N LEU A 227 5.60 5.63 -15.07
CA LEU A 227 5.24 5.88 -13.68
C LEU A 227 6.42 6.51 -12.95
N ASN A 228 6.65 7.78 -13.23
CA ASN A 228 7.87 8.49 -12.86
C ASN A 228 7.58 9.73 -12.02
N PRO A 229 7.36 9.56 -10.72
CA PRO A 229 7.09 10.71 -9.85
C PRO A 229 8.34 11.57 -9.61
N SER A 230 8.19 12.89 -9.67
CA SER A 230 9.35 13.78 -9.57
C SER A 230 9.92 13.89 -8.15
N ALA A 231 9.17 13.40 -7.17
CA ALA A 231 9.60 13.43 -5.78
C ALA A 231 10.86 12.57 -5.58
N LEU A 232 11.11 11.65 -6.50
CA LEU A 232 12.27 10.77 -6.43
C LEU A 232 13.35 11.17 -7.41
N GLY A 233 14.56 10.72 -7.14
CA GLY A 233 15.68 10.94 -8.05
C GLY A 233 16.57 12.09 -7.65
N THR A 234 17.79 11.76 -7.25
CA THR A 234 18.79 12.77 -6.93
C THR A 234 19.76 12.88 -8.10
N GLY A 235 20.13 14.11 -8.45
CA GLY A 235 21.03 14.34 -9.57
C GLY A 235 20.32 15.03 -10.72
N GLY A 236 19.00 14.88 -10.74
CA GLY A 236 18.16 15.58 -11.70
C GLY A 236 17.71 14.73 -12.88
N GLY A 237 17.92 13.42 -12.80
CA GLY A 237 17.64 12.54 -13.92
C GLY A 237 16.23 11.99 -13.96
N ALA A 238 16.06 10.94 -14.78
CA ALA A 238 14.76 10.30 -14.94
C ALA A 238 14.73 8.96 -14.21
N GLY A 239 13.54 8.50 -13.85
CA GLY A 239 13.39 7.20 -13.21
C GLY A 239 11.95 6.95 -12.80
N GLY A 240 11.51 5.69 -12.86
CA GLY A 240 10.15 5.36 -12.56
C GLY A 240 9.93 3.87 -12.36
N PHE A 241 8.69 3.48 -12.13
CA PHE A 241 8.41 2.10 -11.73
C PHE A 241 7.82 1.32 -12.90
N ASN A 242 8.64 1.18 -13.95
CA ASN A 242 8.17 0.78 -15.26
C ASN A 242 8.50 -0.66 -15.60
N GLY A 243 9.25 -1.33 -14.72
CA GLY A 243 9.61 -2.73 -14.93
C GLY A 243 8.96 -3.65 -13.91
N TYR A 244 8.97 -4.95 -14.22
CA TYR A 244 8.42 -5.98 -13.34
C TYR A 244 7.09 -5.56 -12.74
N GLN A 245 6.18 -5.08 -13.59
CA GLN A 245 4.92 -4.54 -13.11
C GLN A 245 3.89 -5.62 -12.80
N SER A 246 3.13 -5.39 -11.73
CA SER A 246 2.00 -6.24 -11.42
C SER A 246 0.95 -5.43 -10.67
N ALA A 247 -0.25 -5.98 -10.61
CA ALA A 247 -1.36 -5.32 -9.99
C ALA A 247 -2.19 -6.33 -9.23
N VAL A 248 -2.96 -5.84 -8.28
CA VAL A 248 -3.98 -6.67 -7.67
C VAL A 248 -5.33 -6.01 -7.97
N VAL A 249 -6.16 -6.79 -8.67
CA VAL A 249 -7.45 -6.34 -9.15
C VAL A 249 -8.56 -7.17 -8.50
N GLY A 250 -9.81 -6.83 -8.82
CA GLY A 250 -10.94 -7.51 -8.22
C GLY A 250 -11.10 -7.21 -6.73
N ILE A 251 -10.51 -6.11 -6.28
CA ILE A 251 -10.58 -5.80 -4.85
C ILE A 251 -11.94 -5.21 -4.49
N LYS A 252 -12.75 -6.03 -3.83
CA LYS A 252 -14.07 -5.64 -3.39
C LYS A 252 -14.54 -6.59 -2.30
N PRO A 253 -15.42 -6.12 -1.41
CA PRO A 253 -15.87 -6.97 -0.30
C PRO A 253 -16.82 -8.10 -0.72
N LEU A 254 -17.76 -7.79 -1.62
CA LEU A 254 -18.86 -8.70 -1.91
C LEU A 254 -18.62 -9.54 -3.17
#